data_3WJX
#
_entry.id   3WJX
#
_cell.length_a   57.885
_cell.length_b   103.351
_cell.length_c   73.579
_cell.angle_alpha   90.000
_cell.angle_beta   90.000
_cell.angle_gamma   90.000
#
_symmetry.space_group_name_H-M   'C 2 2 21'
#
loop_
_entity.id
_entity.type
_entity.pdbx_description
1 polymer "Orotidine 5'-phosphate decarboxylase"
2 non-polymer "6-AMINOURIDINE 5'-MONOPHOSPHATE"
3 non-polymer GLYCEROL
4 water water
#
_entity_poly.entity_id   1
_entity_poly.type   'polypeptide(L)'
_entity_poly.pdbx_seq_one_letter_code
;GSHMRSRRVDVMDVMNRLILAMDLMNRDDALRVTGEVREYIDTVKIGYPLVLSEGMDIIAEFRKRFGCRIIADFKVADIP
ETNEKICRATFKAGADAIIVHGFPGADSVRACLNVAEEMGREVFLLTEMSHPGAEMFIQGAADEIARMGVDLGVKNYVGP
STRPERLSRLREIIGQDSFLISPGVGAQGGDPGETLRFADAIIVGRSIYLADNPAAAAAGIIESIKDLRIPEDPAANKAR
KEAELAAATAEQ
;
_entity_poly.pdbx_strand_id   A
#
loop_
_chem_comp.id
_chem_comp.type
_chem_comp.name
_chem_comp.formula
GOL non-polymer GLYCEROL 'C3 H8 O3'
NUP non-polymer '6-AMINOURIDINE 5'-MONOPHOSPHATE' 'C9 H14 N3 O9 P'
#
# COMPACT_ATOMS: atom_id res chain seq x y z
N VAL A 14 -2.98 11.91 -0.86
CA VAL A 14 -4.28 11.32 -0.43
C VAL A 14 -4.94 12.19 0.65
N MET A 15 -6.26 12.12 0.76
CA MET A 15 -6.98 12.99 1.69
C MET A 15 -6.47 12.75 3.11
N ASN A 16 -6.05 13.85 3.74
CA ASN A 16 -5.57 13.83 5.11
C ASN A 16 -4.32 12.98 5.34
N ARG A 17 -3.67 12.57 4.25
N ARG A 17 -3.67 12.57 4.25
CA ARG A 17 -2.45 11.73 4.29
CA ARG A 17 -2.45 11.74 4.31
C ARG A 17 -2.69 10.42 5.02
C ARG A 17 -2.69 10.40 5.01
N LEU A 18 -3.93 9.92 4.96
CA LEU A 18 -4.35 8.74 5.73
C LEU A 18 -5.03 7.74 4.81
N ILE A 19 -4.49 6.53 4.77
CA ILE A 19 -5.03 5.46 3.95
C ILE A 19 -5.56 4.38 4.89
N LEU A 20 -6.82 3.99 4.72
CA LEU A 20 -7.42 2.94 5.56
C LEU A 20 -7.01 1.56 5.08
N ALA A 21 -6.45 0.74 5.96
CA ALA A 21 -6.20 -0.67 5.66
C ALA A 21 -7.42 -1.48 6.07
N MET A 22 -8.26 -1.80 5.10
CA MET A 22 -9.53 -2.46 5.39
C MET A 22 -9.36 -3.95 5.34
N ASP A 23 -8.95 -4.51 6.49
CA ASP A 23 -8.68 -5.96 6.62
C ASP A 23 -9.74 -6.69 7.44
N LEU A 24 -10.91 -6.10 7.63
CA LEU A 24 -12.06 -6.89 8.08
C LEU A 24 -12.42 -7.91 7.02
N MET A 25 -12.97 -9.03 7.44
CA MET A 25 -13.16 -10.19 6.55
C MET A 25 -14.61 -10.47 6.21
N ASN A 26 -15.47 -9.56 6.64
N ASN A 26 -15.52 -9.61 6.62
CA ASN A 26 -16.92 -9.62 6.44
CA ASN A 26 -16.85 -9.79 6.11
C ASN A 26 -17.35 -8.39 5.62
C ASN A 26 -17.34 -8.46 5.61
N ARG A 27 -18.09 -8.57 4.53
CA ARG A 27 -18.50 -7.46 3.72
C ARG A 27 -19.31 -6.42 4.50
N ASP A 28 -20.24 -6.87 5.33
CA ASP A 28 -21.07 -5.94 6.07
C ASP A 28 -20.25 -5.08 7.01
N ASP A 29 -19.33 -5.70 7.75
CA ASP A 29 -18.51 -4.93 8.69
C ASP A 29 -17.57 -3.99 7.92
N ALA A 30 -16.98 -4.48 6.82
CA ALA A 30 -16.06 -3.68 6.03
C ALA A 30 -16.75 -2.46 5.43
N LEU A 31 -17.97 -2.66 4.91
CA LEU A 31 -18.76 -1.55 4.39
C LEU A 31 -19.14 -0.55 5.47
N ARG A 32 -19.52 -1.04 6.64
CA ARG A 32 -19.90 -0.17 7.76
C ARG A 32 -18.75 0.75 8.14
N VAL A 33 -17.61 0.14 8.41
CA VAL A 33 -16.48 0.90 8.92
C VAL A 33 -15.99 1.88 7.84
N THR A 34 -15.85 1.40 6.61
CA THR A 34 -15.37 2.28 5.54
C THR A 34 -16.31 3.47 5.35
N GLY A 35 -17.62 3.24 5.39
CA GLY A 35 -18.58 4.33 5.27
C GLY A 35 -18.44 5.31 6.41
N GLU A 36 -18.20 4.81 7.62
CA GLU A 36 -18.09 5.68 8.80
C GLU A 36 -16.87 6.60 8.73
N VAL A 37 -15.80 6.16 8.06
CA VAL A 37 -14.57 6.97 8.03
C VAL A 37 -14.31 7.66 6.69
N ARG A 38 -15.21 7.45 5.74
CA ARG A 38 -15.03 7.97 4.36
C ARG A 38 -14.82 9.50 4.29
N GLU A 39 -15.40 10.24 5.21
CA GLU A 39 -15.22 11.69 5.21
C GLU A 39 -13.77 12.09 5.50
N TYR A 40 -12.99 11.17 6.09
CA TYR A 40 -11.61 11.45 6.50
C TYR A 40 -10.50 10.88 5.58
C TYR A 40 -10.62 10.95 5.48
N ILE A 41 -10.88 10.14 4.53
N ILE A 41 -11.05 9.92 4.74
CA ILE A 41 -9.90 9.53 3.60
CA ILE A 41 -10.20 9.05 3.98
C ILE A 41 -10.35 9.67 2.15
C ILE A 41 -10.79 8.81 2.60
N ASP A 42 -9.44 9.48 1.20
N ASP A 42 -10.03 9.11 1.55
CA ASP A 42 -9.85 9.33 -0.20
CA ASP A 42 -10.49 8.86 0.19
C ASP A 42 -9.27 8.06 -0.82
C ASP A 42 -9.72 7.75 -0.53
N THR A 43 -8.73 7.19 0.05
N THR A 43 -8.74 7.13 0.16
CA THR A 43 -7.97 6.02 -0.40
C THR A 43 -8.09 4.86 0.58
N VAL A 44 -8.53 3.72 0.06
CA VAL A 44 -8.68 2.51 0.86
C VAL A 44 -7.75 1.45 0.30
N LYS A 45 -7.01 0.81 1.19
CA LYS A 45 -6.16 -0.31 0.85
C LYS A 45 -6.95 -1.59 1.15
N ILE A 46 -7.17 -2.40 0.13
CA ILE A 46 -7.90 -3.67 0.25
C ILE A 46 -6.89 -4.77 0.02
N GLY A 47 -6.87 -5.78 0.88
CA GLY A 47 -5.93 -6.89 0.79
C GLY A 47 -6.63 -8.23 0.68
N TYR A 48 -5.83 -9.27 0.83
CA TYR A 48 -6.33 -10.61 0.72
C TYR A 48 -7.31 -11.02 1.84
N PRO A 49 -7.18 -10.52 3.08
CA PRO A 49 -8.20 -10.92 4.08
C PRO A 49 -9.63 -10.65 3.57
N LEU A 50 -9.87 -9.48 3.01
CA LEU A 50 -11.20 -9.15 2.53
C LEU A 50 -11.49 -9.82 1.19
N VAL A 51 -10.54 -9.75 0.26
N VAL A 51 -10.59 -9.73 0.20
CA VAL A 51 -10.73 -10.29 -1.08
CA VAL A 51 -10.96 -10.31 -1.11
C VAL A 51 -10.97 -11.80 -1.09
C VAL A 51 -11.02 -11.84 -1.10
N LEU A 52 -10.21 -12.52 -0.29
CA LEU A 52 -10.34 -13.99 -0.26
C LEU A 52 -11.57 -14.42 0.50
N SER A 53 -12.15 -13.55 1.31
CA SER A 53 -13.38 -13.85 2.03
C SER A 53 -14.64 -13.46 1.25
N GLU A 54 -14.59 -12.39 0.47
CA GLU A 54 -15.79 -11.82 -0.15
C GLU A 54 -15.74 -11.74 -1.67
N GLY A 55 -14.58 -12.00 -2.27
CA GLY A 55 -14.44 -11.96 -3.73
C GLY A 55 -13.85 -10.66 -4.25
N MET A 56 -13.23 -10.75 -5.43
CA MET A 56 -12.62 -9.58 -6.06
C MET A 56 -13.65 -8.51 -6.45
N ASP A 57 -14.92 -8.90 -6.57
CA ASP A 57 -15.97 -7.93 -6.88
C ASP A 57 -16.09 -6.85 -5.81
N ILE A 58 -15.56 -7.10 -4.61
CA ILE A 58 -15.60 -6.12 -3.54
C ILE A 58 -14.85 -4.84 -3.91
N ILE A 59 -13.83 -4.95 -4.77
CA ILE A 59 -13.04 -3.78 -5.16
C ILE A 59 -13.90 -2.76 -5.91
N ALA A 60 -14.59 -3.22 -6.94
CA ALA A 60 -15.44 -2.31 -7.71
C ALA A 60 -16.61 -1.82 -6.86
N GLU A 61 -17.10 -2.67 -5.96
CA GLU A 61 -18.19 -2.23 -5.08
C GLU A 61 -17.74 -1.05 -4.20
N PHE A 62 -16.56 -1.17 -3.60
CA PHE A 62 -16.03 -0.08 -2.78
C PHE A 62 -15.78 1.17 -3.58
N ARG A 63 -15.14 1.01 -4.74
N ARG A 63 -15.13 1.00 -4.73
CA ARG A 63 -14.74 2.14 -5.56
CA ARG A 63 -14.75 2.14 -5.56
C ARG A 63 -15.98 2.96 -5.94
C ARG A 63 -15.98 2.96 -5.93
N LYS A 64 -17.08 2.28 -6.24
CA LYS A 64 -18.34 2.92 -6.59
C LYS A 64 -19.06 3.53 -5.39
N ARG A 65 -19.28 2.72 -4.34
N ARG A 65 -19.25 2.72 -4.34
CA ARG A 65 -20.00 3.16 -3.15
CA ARG A 65 -20.02 3.13 -3.16
C ARG A 65 -19.36 4.37 -2.53
C ARG A 65 -19.36 4.25 -2.36
N PHE A 66 -18.04 4.33 -2.40
CA PHE A 66 -17.30 5.32 -1.64
C PHE A 66 -16.58 6.35 -2.52
N GLY A 67 -16.45 6.08 -3.81
CA GLY A 67 -15.73 6.99 -4.71
C GLY A 67 -14.31 7.21 -4.23
N CYS A 68 -13.69 6.15 -3.72
N CYS A 68 -13.72 6.18 -3.63
CA CYS A 68 -12.31 6.19 -3.23
CA CYS A 68 -12.36 6.22 -3.10
C CYS A 68 -11.35 5.62 -4.28
C CYS A 68 -11.46 5.43 -4.03
N ARG A 69 -10.07 5.90 -4.10
N ARG A 69 -10.21 5.84 -4.12
CA ARG A 69 -9.02 5.15 -4.78
CA ARG A 69 -9.20 5.07 -4.83
C ARG A 69 -8.89 3.81 -4.04
C ARG A 69 -8.85 3.82 -4.04
N ILE A 70 -8.52 2.75 -4.76
CA ILE A 70 -8.27 1.45 -4.13
CA ILE A 70 -8.26 1.48 -4.14
C ILE A 70 -6.85 1.00 -4.44
N ILE A 71 -6.08 0.74 -3.40
CA ILE A 71 -4.79 0.10 -3.53
C ILE A 71 -4.96 -1.35 -3.15
N ALA A 72 -4.63 -2.26 -4.06
CA ALA A 72 -4.72 -3.70 -3.79
C ALA A 72 -3.41 -4.15 -3.16
N ASP A 73 -3.47 -4.48 -1.87
CA ASP A 73 -2.27 -4.87 -1.14
C ASP A 73 -2.06 -6.36 -1.26
N PHE A 74 -1.56 -6.77 -2.42
CA PHE A 74 -1.45 -8.19 -2.75
C PHE A 74 -0.01 -8.70 -2.60
N LYS A 75 0.92 -7.79 -2.29
N LYS A 75 0.94 -7.83 -2.26
CA LYS A 75 2.34 -8.13 -2.06
CA LYS A 75 2.29 -8.29 -1.95
C LYS A 75 2.85 -9.15 -3.06
C LYS A 75 2.79 -9.24 -3.06
N VAL A 76 2.62 -8.82 -4.32
CA VAL A 76 2.83 -9.76 -5.42
C VAL A 76 4.29 -10.24 -5.38
N ALA A 77 4.48 -11.56 -5.40
CA ALA A 77 5.78 -12.12 -5.05
C ALA A 77 6.05 -13.44 -5.78
N ASP A 78 5.68 -13.45 -7.07
N ASP A 78 5.72 -13.49 -7.08
CA ASP A 78 5.77 -14.65 -7.90
CA ASP A 78 5.95 -14.71 -7.85
C ASP A 78 6.83 -14.43 -9.01
C ASP A 78 6.91 -14.44 -8.99
N ILE A 79 6.99 -15.42 -9.88
CA ILE A 79 7.80 -15.33 -11.08
C ILE A 79 7.14 -14.31 -12.03
N PRO A 80 7.90 -13.80 -13.00
CA PRO A 80 7.35 -12.76 -13.88
C PRO A 80 6.03 -13.14 -14.55
N GLU A 81 5.92 -14.34 -15.09
CA GLU A 81 4.74 -14.73 -15.84
C GLU A 81 3.49 -14.75 -14.97
N THR A 82 3.61 -15.29 -13.77
CA THR A 82 2.49 -15.31 -12.86
C THR A 82 2.17 -13.92 -12.34
N ASN A 83 3.20 -13.14 -12.04
CA ASN A 83 2.98 -11.76 -11.63
C ASN A 83 2.14 -10.99 -12.65
N GLU A 84 2.42 -11.19 -13.94
N GLU A 84 2.40 -11.18 -13.95
CA GLU A 84 1.66 -10.53 -14.98
CA GLU A 84 1.59 -10.46 -14.96
C GLU A 84 0.18 -10.84 -14.82
C GLU A 84 0.12 -10.86 -14.87
N LYS A 85 -0.13 -12.14 -14.68
N LYS A 85 -0.15 -12.15 -14.66
CA LYS A 85 -1.50 -12.61 -14.55
CA LYS A 85 -1.54 -12.60 -14.56
C LYS A 85 -2.21 -12.01 -13.33
C LYS A 85 -2.23 -12.01 -13.32
N ILE A 86 -1.51 -12.00 -12.20
CA ILE A 86 -2.08 -11.45 -10.96
C ILE A 86 -2.40 -9.96 -11.14
N CYS A 87 -1.43 -9.24 -11.71
CA CYS A 87 -1.67 -7.81 -11.93
C CYS A 87 -2.83 -7.56 -12.86
N ARG A 88 -2.91 -8.32 -13.94
N ARG A 88 -2.91 -8.32 -13.96
CA ARG A 88 -3.97 -8.09 -14.90
CA ARG A 88 -4.00 -8.17 -14.93
C ARG A 88 -5.35 -8.36 -14.25
C ARG A 88 -5.35 -8.37 -14.26
N ALA A 89 -5.47 -9.46 -13.50
CA ALA A 89 -6.74 -9.78 -12.83
C ALA A 89 -7.11 -8.67 -11.83
N THR A 90 -6.10 -8.10 -11.18
CA THR A 90 -6.34 -7.10 -10.14
C THR A 90 -6.80 -5.77 -10.74
N PHE A 91 -6.14 -5.35 -11.82
CA PHE A 91 -6.57 -4.13 -12.50
C PHE A 91 -7.90 -4.31 -13.20
N LYS A 92 -8.16 -5.49 -13.76
CA LYS A 92 -9.46 -5.78 -14.35
C LYS A 92 -10.57 -5.60 -13.31
N ALA A 93 -10.28 -5.96 -12.05
CA ALA A 93 -11.23 -5.83 -10.96
C ALA A 93 -11.42 -4.39 -10.49
N GLY A 94 -10.63 -3.45 -11.02
CA GLY A 94 -10.87 -2.05 -10.74
C GLY A 94 -9.88 -1.42 -9.79
N ALA A 95 -8.84 -2.14 -9.35
CA ALA A 95 -7.86 -1.52 -8.47
C ALA A 95 -7.12 -0.38 -9.18
N ASP A 96 -6.81 0.69 -8.46
CA ASP A 96 -6.00 1.79 -9.01
C ASP A 96 -4.52 1.48 -8.99
N ALA A 97 -4.09 0.69 -8.01
CA ALA A 97 -2.68 0.42 -7.80
C ALA A 97 -2.53 -0.91 -7.12
N ILE A 98 -1.35 -1.50 -7.23
CA ILE A 98 -1.08 -2.77 -6.59
C ILE A 98 0.26 -2.70 -5.88
N ILE A 99 0.36 -3.31 -4.70
CA ILE A 99 1.61 -3.40 -3.95
C ILE A 99 2.31 -4.70 -4.32
N VAL A 100 3.60 -4.56 -4.65
N VAL A 100 3.58 -4.59 -4.68
CA VAL A 100 4.45 -5.61 -5.20
CA VAL A 100 4.35 -5.74 -5.09
C VAL A 100 5.65 -5.79 -4.26
C VAL A 100 5.66 -5.80 -4.31
N HIS A 101 6.04 -7.02 -3.92
CA HIS A 101 7.32 -7.22 -3.23
C HIS A 101 8.50 -7.01 -4.17
N GLY A 102 9.55 -6.38 -3.66
CA GLY A 102 10.80 -6.26 -4.40
C GLY A 102 11.76 -7.42 -4.20
N PHE A 103 11.64 -8.18 -3.11
N PHE A 103 11.65 -8.14 -3.10
CA PHE A 103 12.57 -9.28 -2.79
CA PHE A 103 12.68 -9.11 -2.80
C PHE A 103 12.69 -10.35 -3.94
C PHE A 103 12.84 -10.22 -3.83
N PRO A 104 11.62 -10.62 -4.73
N PRO A 104 11.77 -10.60 -4.53
CA PRO A 104 11.82 -11.57 -5.85
CA PRO A 104 11.96 -11.58 -5.61
C PRO A 104 12.67 -11.06 -7.01
C PRO A 104 12.75 -11.11 -6.84
N GLY A 105 13.09 -9.81 -6.96
CA GLY A 105 14.02 -9.34 -7.99
C GLY A 105 13.41 -8.58 -9.13
N ALA A 106 14.29 -8.12 -10.01
CA ALA A 106 13.93 -7.07 -10.98
C ALA A 106 12.99 -7.53 -12.07
N ASP A 107 13.15 -8.76 -12.54
CA ASP A 107 12.26 -9.28 -13.58
C ASP A 107 10.83 -9.39 -13.06
N SER A 108 10.67 -9.84 -11.82
CA SER A 108 9.33 -9.93 -11.19
C SER A 108 8.68 -8.57 -11.06
N VAL A 109 9.47 -7.58 -10.65
CA VAL A 109 8.93 -6.22 -10.55
C VAL A 109 8.59 -5.65 -11.94
N ARG A 110 9.49 -5.82 -12.90
N ARG A 110 9.50 -5.82 -12.90
CA ARG A 110 9.26 -5.33 -14.27
CA ARG A 110 9.27 -5.32 -14.26
C ARG A 110 7.99 -5.90 -14.87
C ARG A 110 7.98 -5.89 -14.85
N ALA A 111 7.69 -7.16 -14.59
CA ALA A 111 6.47 -7.77 -15.12
C ALA A 111 5.24 -7.00 -14.62
N CYS A 112 5.25 -6.60 -13.35
CA CYS A 112 4.14 -5.83 -12.79
C CYS A 112 4.08 -4.44 -13.41
N LEU A 113 5.23 -3.79 -13.55
CA LEU A 113 5.29 -2.48 -14.19
C LEU A 113 4.76 -2.54 -15.61
N ASN A 114 5.07 -3.59 -16.35
CA ASN A 114 4.58 -3.71 -17.72
C ASN A 114 3.07 -3.78 -17.79
N VAL A 115 2.46 -4.56 -16.92
CA VAL A 115 1.00 -4.62 -16.91
C VAL A 115 0.40 -3.29 -16.48
N ALA A 116 0.97 -2.67 -15.45
CA ALA A 116 0.49 -1.36 -15.03
C ALA A 116 0.56 -0.34 -16.18
N GLU A 117 1.64 -0.37 -16.97
N GLU A 117 1.64 -0.36 -16.97
CA GLU A 117 1.78 0.54 -18.12
CA GLU A 117 1.75 0.56 -18.08
C GLU A 117 0.72 0.22 -19.19
C GLU A 117 0.63 0.29 -19.10
N GLU A 118 0.45 -1.06 -19.39
N GLU A 118 0.43 -0.96 -19.45
CA GLU A 118 -0.56 -1.48 -20.35
CA GLU A 118 -0.61 -1.32 -20.43
C GLU A 118 -1.95 -1.01 -19.97
C GLU A 118 -2.01 -0.92 -19.98
N MET A 119 -2.23 -0.99 -18.67
CA MET A 119 -3.59 -0.79 -18.20
CA MET A 119 -3.53 -0.82 -18.04
C MET A 119 -3.78 0.58 -17.53
N GLY A 120 -2.78 1.46 -17.61
CA GLY A 120 -2.87 2.81 -17.06
C GLY A 120 -2.98 2.90 -15.55
N ARG A 121 -2.30 2.00 -14.84
N ARG A 121 -2.30 2.00 -14.84
CA ARG A 121 -2.35 1.88 -13.38
CA ARG A 121 -2.36 1.90 -13.38
C ARG A 121 -0.97 2.12 -12.78
C ARG A 121 -0.95 2.00 -12.78
N GLU A 122 -0.87 1.87 -11.46
CA GLU A 122 0.39 2.11 -10.75
C GLU A 122 0.82 0.94 -9.89
N VAL A 123 2.12 0.78 -9.77
CA VAL A 123 2.74 -0.19 -8.90
C VAL A 123 3.37 0.56 -7.71
N PHE A 124 3.16 0.02 -6.51
CA PHE A 124 3.89 0.40 -5.30
C PHE A 124 4.86 -0.70 -4.96
N LEU A 125 6.12 -0.34 -4.79
CA LEU A 125 7.15 -1.32 -4.45
C LEU A 125 7.35 -1.38 -2.93
N LEU A 126 7.12 -2.53 -2.36
CA LEU A 126 7.36 -2.80 -0.94
C LEU A 126 8.84 -3.16 -0.77
N THR A 127 9.53 -2.35 0.04
N THR A 127 9.57 -2.30 -0.07
CA THR A 127 11.01 -2.35 0.15
CA THR A 127 10.97 -2.59 0.18
C THR A 127 11.55 -3.00 1.42
C THR A 127 11.07 -3.26 1.58
N GLU A 128 10.90 -2.68 2.54
N GLU A 128 11.29 -2.51 2.67
CA GLU A 128 11.25 -3.18 3.87
CA GLU A 128 11.32 -3.12 3.99
C GLU A 128 9.94 -3.23 4.63
C GLU A 128 9.89 -3.26 4.55
N MET A 129 9.67 -4.36 5.26
CA MET A 129 8.41 -4.60 5.96
C MET A 129 8.47 -4.12 7.42
N SER A 130 7.29 -3.99 8.03
CA SER A 130 7.17 -3.35 9.33
C SER A 130 7.26 -4.27 10.54
N HIS A 131 7.11 -5.59 10.36
CA HIS A 131 7.02 -6.52 11.49
C HIS A 131 8.44 -6.95 11.94
N PRO A 132 8.55 -7.53 13.14
CA PRO A 132 9.88 -7.89 13.65
C PRO A 132 10.68 -8.83 12.74
N GLY A 133 10.01 -9.80 12.13
CA GLY A 133 10.68 -10.76 11.28
C GLY A 133 11.34 -10.14 10.06
N ALA A 134 10.93 -8.92 9.67
CA ALA A 134 11.55 -8.23 8.54
C ALA A 134 13.03 -8.02 8.78
N GLU A 135 13.48 -8.04 10.03
CA GLU A 135 14.90 -7.86 10.31
C GLU A 135 15.75 -9.03 9.82
N MET A 136 15.15 -10.20 9.70
CA MET A 136 15.94 -11.40 9.43
C MET A 136 16.57 -11.41 8.06
N PHE A 137 15.78 -11.12 7.03
CA PHE A 137 16.26 -11.19 5.64
C PHE A 137 15.96 -9.93 4.85
N ILE A 138 14.77 -9.35 5.04
CA ILE A 138 14.39 -8.23 4.18
C ILE A 138 15.22 -6.98 4.45
N GLN A 139 15.47 -6.67 5.71
CA GLN A 139 16.13 -5.41 6.04
C GLN A 139 17.50 -5.30 5.39
N GLY A 140 18.28 -6.38 5.41
CA GLY A 140 19.60 -6.38 4.82
C GLY A 140 19.63 -6.21 3.32
N ALA A 141 18.51 -6.49 2.65
CA ALA A 141 18.37 -6.33 1.20
C ALA A 141 17.65 -5.03 0.83
N ALA A 142 17.07 -4.35 1.82
CA ALA A 142 16.07 -3.32 1.51
C ALA A 142 16.63 -2.12 0.78
N ASP A 143 17.83 -1.66 1.13
CA ASP A 143 18.39 -0.52 0.40
C ASP A 143 18.61 -0.88 -1.07
N GLU A 144 19.13 -2.08 -1.31
N GLU A 144 19.11 -2.09 -1.32
CA GLU A 144 19.34 -2.56 -2.68
CA GLU A 144 19.33 -2.55 -2.68
C GLU A 144 18.00 -2.71 -3.42
C GLU A 144 18.01 -2.79 -3.43
N ILE A 145 16.98 -3.22 -2.72
CA ILE A 145 15.66 -3.34 -3.34
C ILE A 145 15.13 -1.95 -3.74
N ALA A 146 15.33 -0.97 -2.86
CA ALA A 146 14.90 0.38 -3.18
C ALA A 146 15.66 0.96 -4.39
N ARG A 147 16.98 0.75 -4.42
N ARG A 147 16.98 0.75 -4.42
N ARG A 147 16.97 0.76 -4.43
CA ARG A 147 17.80 1.21 -5.54
CA ARG A 147 17.78 1.23 -5.54
CA ARG A 147 17.76 1.23 -5.55
C ARG A 147 17.37 0.54 -6.85
C ARG A 147 17.33 0.55 -6.84
C ARG A 147 17.33 0.55 -6.84
N MET A 148 17.01 -0.74 -6.77
CA MET A 148 16.48 -1.48 -7.92
C MET A 148 15.18 -0.81 -8.38
N GLY A 149 14.29 -0.46 -7.44
CA GLY A 149 13.10 0.28 -7.82
C GLY A 149 13.41 1.57 -8.56
N VAL A 150 14.35 2.34 -8.03
CA VAL A 150 14.71 3.60 -8.71
C VAL A 150 15.17 3.31 -10.13
N ASP A 151 16.00 2.29 -10.29
N ASP A 151 16.03 2.30 -10.28
CA ASP A 151 16.57 1.97 -11.61
CA ASP A 151 16.58 1.90 -11.59
C ASP A 151 15.55 1.40 -12.58
C ASP A 151 15.46 1.55 -12.57
N LEU A 152 14.44 0.86 -12.05
CA LEU A 152 13.32 0.38 -12.88
C LEU A 152 12.31 1.48 -13.18
N GLY A 153 12.48 2.65 -12.57
CA GLY A 153 11.55 3.74 -12.77
C GLY A 153 10.33 3.71 -11.87
N VAL A 154 10.38 2.94 -10.77
CA VAL A 154 9.30 2.91 -9.79
C VAL A 154 9.19 4.29 -9.15
N LYS A 155 7.96 4.77 -9.00
CA LYS A 155 7.72 6.08 -8.40
C LYS A 155 6.97 6.03 -7.07
N ASN A 156 6.51 4.85 -6.68
CA ASN A 156 5.65 4.67 -5.50
C ASN A 156 6.21 3.54 -4.68
N TYR A 157 6.36 3.76 -3.38
CA TYR A 157 7.09 2.86 -2.48
C TYR A 157 6.32 2.68 -1.17
N VAL A 158 6.63 1.58 -0.50
CA VAL A 158 6.09 1.27 0.83
C VAL A 158 7.25 0.94 1.74
N GLY A 159 7.29 1.57 2.92
CA GLY A 159 8.31 1.26 3.90
C GLY A 159 7.75 1.45 5.32
N PRO A 160 8.52 1.06 6.35
CA PRO A 160 7.94 0.73 7.66
C PRO A 160 7.85 1.87 8.67
N SER A 161 6.65 2.10 9.18
CA SER A 161 6.43 3.11 10.23
C SER A 161 7.18 2.76 11.51
N THR A 162 7.34 1.45 11.75
CA THR A 162 7.96 0.96 12.95
C THR A 162 9.47 1.19 13.00
N ARG A 163 10.07 1.64 11.90
CA ARG A 163 11.50 1.93 11.90
C ARG A 163 11.74 3.23 11.15
N PRO A 164 11.51 4.38 11.82
CA PRO A 164 11.61 5.63 11.07
C PRO A 164 13.02 5.93 10.56
N GLU A 165 14.08 5.40 11.20
CA GLU A 165 15.42 5.56 10.67
C GLU A 165 15.58 4.82 9.33
N ARG A 166 14.90 3.68 9.19
CA ARG A 166 14.88 2.94 7.94
C ARG A 166 14.02 3.69 6.92
N LEU A 167 12.90 4.23 7.37
N LEU A 167 12.90 4.29 7.32
CA LEU A 167 12.03 4.98 6.52
CA LEU A 167 12.09 5.14 6.41
C LEU A 167 12.74 6.23 5.97
C LEU A 167 12.90 6.27 5.87
N SER A 168 13.63 6.87 6.77
CA SER A 168 14.45 7.99 6.36
C SER A 168 15.46 7.56 5.30
N ARG A 169 16.14 6.45 5.52
CA ARG A 169 17.09 5.92 4.54
C ARG A 169 16.39 5.61 3.20
N LEU A 170 15.20 5.01 3.26
N LEU A 170 15.20 5.02 3.26
CA LEU A 170 14.43 4.72 2.04
CA LEU A 170 14.45 4.70 2.05
C LEU A 170 14.11 6.01 1.30
C LEU A 170 13.99 5.96 1.29
N ARG A 171 13.58 6.99 2.03
CA ARG A 171 13.32 8.31 1.45
C ARG A 171 14.59 8.88 0.79
N GLU A 172 15.73 8.73 1.44
CA GLU A 172 16.99 9.20 0.91
C GLU A 172 17.31 8.57 -0.44
N ILE A 173 17.05 7.27 -0.56
CA ILE A 173 17.33 6.56 -1.82
C ILE A 173 16.36 6.98 -2.92
N ILE A 174 15.06 7.05 -2.61
CA ILE A 174 14.06 7.28 -3.64
C ILE A 174 13.88 8.73 -4.02
N GLY A 175 14.38 9.64 -3.20
CA GLY A 175 14.23 11.06 -3.49
C GLY A 175 12.90 11.65 -3.07
N GLN A 176 12.79 12.97 -3.19
N GLN A 176 12.78 12.97 -3.14
CA GLN A 176 11.65 13.72 -2.68
CA GLN A 176 11.59 13.65 -2.63
C GLN A 176 10.43 13.70 -3.59
C GLN A 176 10.38 13.55 -3.56
N ASP A 177 10.63 13.36 -4.85
CA ASP A 177 9.57 13.29 -5.85
C ASP A 177 8.76 12.00 -5.77
N SER A 178 9.39 10.88 -5.38
CA SER A 178 8.71 9.60 -5.24
C SER A 178 7.67 9.66 -4.12
N PHE A 179 6.60 8.88 -4.27
CA PHE A 179 5.52 8.80 -3.29
C PHE A 179 5.77 7.61 -2.37
N LEU A 180 5.71 7.85 -1.06
CA LEU A 180 6.04 6.84 -0.08
C LEU A 180 4.89 6.72 0.91
N ILE A 181 4.35 5.52 1.05
CA ILE A 181 3.32 5.26 2.03
C ILE A 181 3.85 4.27 3.05
N SER A 182 3.28 4.29 4.26
CA SER A 182 3.91 3.58 5.35
C SER A 182 2.91 2.94 6.30
N PRO A 183 2.92 1.59 6.41
CA PRO A 183 2.12 0.87 7.39
C PRO A 183 2.90 0.62 8.68
N GLY A 184 2.16 0.19 9.70
CA GLY A 184 2.73 -0.06 11.01
C GLY A 184 2.39 1.02 12.03
N VAL A 185 1.52 1.95 11.67
CA VAL A 185 1.07 3.01 12.56
C VAL A 185 -0.03 2.49 13.47
N GLY A 186 0.11 2.73 14.77
CA GLY A 186 -0.92 2.36 15.73
C GLY A 186 -0.67 0.99 16.30
N ALA A 187 -1.39 -0.01 15.81
CA ALA A 187 -1.32 -1.34 16.40
C ALA A 187 0.10 -1.91 16.46
N GLN A 188 0.89 -1.70 15.41
CA GLN A 188 2.25 -2.22 15.38
C GLN A 188 3.26 -1.35 16.13
N GLY A 189 2.84 -0.17 16.60
CA GLY A 189 3.70 0.66 17.43
C GLY A 189 4.17 1.94 16.78
N GLY A 190 3.94 2.13 15.49
CA GLY A 190 4.39 3.34 14.81
C GLY A 190 3.56 4.57 15.14
N ASP A 191 4.17 5.72 14.97
CA ASP A 191 3.57 7.01 15.32
C ASP A 191 3.22 7.80 14.07
N PRO A 192 2.00 8.38 14.00
CA PRO A 192 1.63 9.13 12.79
C PRO A 192 2.58 10.26 12.44
N GLY A 193 2.83 11.14 13.41
CA GLY A 193 3.64 12.30 13.13
C GLY A 193 5.06 12.00 12.74
N GLU A 194 5.71 11.10 13.48
CA GLU A 194 7.07 10.74 13.17
C GLU A 194 7.16 10.09 11.79
N THR A 195 6.20 9.25 11.46
CA THR A 195 6.21 8.56 10.17
C THR A 195 6.08 9.55 9.01
N LEU A 196 5.23 10.57 9.20
CA LEU A 196 4.99 11.60 8.22
C LEU A 196 6.15 12.59 8.05
N ARG A 197 7.20 12.48 8.87
CA ARG A 197 8.43 13.20 8.60
C ARG A 197 9.07 12.71 7.30
N PHE A 198 8.81 11.45 6.95
CA PHE A 198 9.46 10.80 5.80
C PHE A 198 8.48 10.31 4.74
N ALA A 199 7.35 9.75 5.18
CA ALA A 199 6.34 9.23 4.26
C ALA A 199 5.37 10.33 3.86
N ASP A 200 4.81 10.24 2.67
CA ASP A 200 3.73 11.12 2.25
C ASP A 200 2.39 10.79 2.87
N ALA A 201 2.15 9.51 3.15
CA ALA A 201 0.88 9.06 3.72
C ALA A 201 1.14 7.88 4.62
N ILE A 202 0.30 7.77 5.64
CA ILE A 202 0.30 6.64 6.53
C ILE A 202 -0.86 5.70 6.25
N ILE A 203 -0.59 4.41 6.39
CA ILE A 203 -1.60 3.37 6.36
C ILE A 203 -1.98 3.01 7.78
N VAL A 204 -3.28 2.96 8.06
CA VAL A 204 -3.78 2.58 9.38
C VAL A 204 -4.91 1.59 9.23
N GLY A 205 -4.77 0.45 9.89
CA GLY A 205 -5.80 -0.59 9.89
C GLY A 205 -6.49 -0.69 11.24
N ARG A 206 -6.01 -1.60 12.09
CA ARG A 206 -6.68 -1.98 13.34
C ARG A 206 -7.01 -0.81 14.26
N SER A 207 -6.11 0.16 14.37
CA SER A 207 -6.37 1.31 15.25
C SER A 207 -7.63 2.06 14.86
N ILE A 208 -8.04 1.96 13.60
CA ILE A 208 -9.34 2.45 13.16
C ILE A 208 -10.41 1.36 13.15
N TYR A 209 -10.18 0.26 12.44
CA TYR A 209 -11.30 -0.64 12.20
C TYR A 209 -11.70 -1.52 13.37
N LEU A 210 -10.85 -1.64 14.38
CA LEU A 210 -11.23 -2.33 15.62
C LEU A 210 -11.63 -1.38 16.72
N ALA A 211 -11.59 -0.08 16.48
CA ALA A 211 -11.95 0.89 17.50
C ALA A 211 -13.44 0.83 17.80
N ASP A 212 -13.82 1.19 19.01
CA ASP A 212 -15.25 1.27 19.32
C ASP A 212 -15.93 2.31 18.43
N ASN A 213 -15.20 3.36 18.06
CA ASN A 213 -15.72 4.41 17.21
C ASN A 213 -14.67 4.70 16.14
N PRO A 214 -14.72 3.99 15.00
CA PRO A 214 -13.74 4.22 13.94
C PRO A 214 -13.62 5.63 13.43
N ALA A 215 -14.75 6.34 13.31
CA ALA A 215 -14.71 7.73 12.88
C ALA A 215 -13.93 8.60 13.88
N ALA A 216 -14.16 8.39 15.17
CA ALA A 216 -13.45 9.16 16.19
C ALA A 216 -11.96 8.78 16.17
N ALA A 217 -11.64 7.50 15.95
CA ALA A 217 -10.23 7.08 15.85
C ALA A 217 -9.57 7.77 14.67
N ALA A 218 -10.21 7.75 13.49
CA ALA A 218 -9.66 8.41 12.30
C ALA A 218 -9.52 9.91 12.53
N ALA A 219 -10.54 10.53 13.12
CA ALA A 219 -10.51 11.98 13.39
C ALA A 219 -9.36 12.34 14.32
N GLY A 220 -9.13 11.52 15.35
CA GLY A 220 -8.04 11.74 16.29
C GLY A 220 -6.69 11.70 15.60
N ILE A 221 -6.51 10.74 14.71
CA ILE A 221 -5.27 10.63 13.93
C ILE A 221 -5.09 11.87 13.06
N ILE A 222 -6.14 12.26 12.34
CA ILE A 222 -6.10 13.42 11.44
C ILE A 222 -5.78 14.72 12.19
N GLU A 223 -6.35 14.87 13.38
CA GLU A 223 -6.07 16.03 14.21
C GLU A 223 -4.59 16.11 14.58
N SER A 224 -3.95 14.97 14.78
CA SER A 224 -2.51 14.97 15.02
C SER A 224 -1.70 15.20 13.73
N ILE A 225 -2.26 14.83 12.58
CA ILE A 225 -1.62 15.09 11.27
C ILE A 225 -1.65 16.59 10.91
N LYS A 226 -2.81 17.22 11.06
CA LYS A 226 -2.96 18.65 10.80
C LYS A 226 -1.98 19.50 11.61
N ASP A 227 -1.71 19.08 12.84
CA ASP A 227 -0.81 19.78 13.76
C ASP A 227 0.65 19.82 13.30
N LEU A 228 1.03 18.87 12.44
CA LEU A 228 2.40 18.78 11.90
C LEU A 228 2.77 20.00 11.06
O4 NUP B . 5.41 -3.85 5.85
O4 NUP B . 5.37 -4.23 5.81
C4 NUP B . 4.15 -3.96 5.73
C4 NUP B . 4.12 -4.24 5.71
N2 NUP B . 3.39 -4.01 6.87
N2 NUP B . 3.39 -4.03 6.83
C2 NUP B . 2.03 -4.00 6.87
C2 NUP B . 2.05 -4.16 6.87
O2 NUP B . 1.43 -4.12 7.97
O2 NUP B . 1.45 -3.85 7.91
C5 NUP B . 3.47 -3.88 4.52
C5 NUP B . 3.47 -4.62 4.55
C6 NUP B . 2.07 -3.86 4.51
C6 NUP B . 2.06 -4.67 4.56
N3 NUP B . 1.46 -3.48 3.38
N3 NUP B . 1.40 -4.82 3.39
N1 NUP B . 1.37 -3.97 5.68
N1 NUP B . 1.39 -4.45 5.73
C1' NUP B . -0.13 -4.05 5.67
C1' NUP B . -0.06 -4.22 5.70
O4' NUP B . -0.58 -2.81 6.21
O4' NUP B . -0.49 -2.97 6.26
C2' NUP B . -0.82 -5.15 6.51
C2' NUP B . -0.77 -5.32 6.40
O2' NUP B . -1.20 -6.43 5.94
O2' NUP B . -1.02 -6.23 5.31
C3' NUP B . -2.09 -4.45 6.93
C3' NUP B . -2.01 -4.64 6.93
O3' NUP B . -3.07 -4.49 5.87
O3' NUP B . -3.00 -4.74 5.90
C4' NUP B . -1.66 -3.01 7.14
C4' NUP B . -1.60 -3.19 7.13
C5' NUP B . -1.24 -2.81 8.57
O5' NUP B . -2.46 -2.72 9.28
P NUP B . -2.50 -2.39 10.86
O1P NUP B . -2.59 -0.90 11.01
O2P NUP B . -3.76 -3.10 11.33
O3P NUP B . -1.23 -2.92 11.49
C1 GOL C . -19.98 6.08 15.32
O1 GOL C . -19.21 4.87 15.42
C2 GOL C . -20.55 6.27 13.93
O2 GOL C . -19.58 6.95 13.08
C3 GOL C . -21.85 7.06 14.06
O3 GOL C . -21.59 8.41 14.46
C1 GOL D . -10.82 7.53 19.59
O1 GOL D . -11.16 8.91 19.71
C2 GOL D . -11.97 6.66 20.07
O2 GOL D . -11.75 6.29 21.44
C3 GOL D . -12.05 5.42 19.17
O3 GOL D . -12.96 4.45 19.70
#